data_4EAE
#
_entry.id   4EAE
#
_cell.length_a   87.964
_cell.length_b   87.964
_cell.length_c   94.631
_cell.angle_alpha   90.00
_cell.angle_beta   90.00
_cell.angle_gamma   120.00
#
_symmetry.space_group_name_H-M   'P 61'
#
loop_
_entity.id
_entity.type
_entity.pdbx_description
1 polymer 'Lmo1068 protein'
2 non-polymer D-MALATE
3 non-polymer 'SODIUM ION'
4 water water
#
_entity_poly.entity_id   1
_entity_poly.type   'polypeptide(L)'
_entity_poly.pdbx_seq_one_letter_code
;SNAEAFSFSPSGFKVSTVESILGGDVTTTYLSSSKSFQKDFEALTLFINQYKVEHVINPTKEVSASNPESYLANKNGYVI
TLDISIKNNSKKDK(MSE)YKADQISLLGASKSVGGSLDNFIPSGFHLIGSSSDPYNFTAGKTARGLLTFT(MSE)DEAT
YNDLAKDSQIGVPDPSRFDSSSTKGSSQDNVVAPFPIK
;
_entity_poly.pdbx_strand_id   A,B
#
loop_
_chem_comp.id
_chem_comp.type
_chem_comp.name
_chem_comp.formula
MLT non-polymer D-MALATE 'C4 H6 O5'
NA non-polymer 'SODIUM ION' 'Na 1'
#
# COMPACT_ATOMS: atom_id res chain seq x y z
N GLU A 4 14.04 -25.94 -21.95
CA GLU A 4 15.00 -25.54 -20.92
C GLU A 4 14.30 -25.15 -19.63
N ALA A 5 15.07 -25.05 -18.56
CA ALA A 5 14.52 -24.83 -17.23
C ALA A 5 14.75 -23.40 -16.73
N PHE A 6 13.83 -22.94 -15.89
CA PHE A 6 13.97 -21.63 -15.28
C PHE A 6 15.22 -21.57 -14.41
N SER A 7 15.85 -20.40 -14.38
CA SER A 7 16.94 -20.13 -13.44
C SER A 7 17.09 -18.63 -13.31
N PHE A 8 17.99 -18.19 -12.43
CA PHE A 8 18.29 -16.78 -12.29
C PHE A 8 19.26 -16.25 -13.36
N SER A 9 19.77 -17.10 -14.24
CA SER A 9 20.65 -16.61 -15.31
C SER A 9 19.86 -15.74 -16.27
N PRO A 10 20.55 -14.95 -17.10
CA PRO A 10 19.80 -14.08 -18.01
C PRO A 10 18.89 -14.85 -18.96
N SER A 11 19.32 -16.01 -19.46
CA SER A 11 18.47 -16.80 -20.34
CA SER A 11 18.48 -16.82 -20.34
C SER A 11 17.46 -17.63 -19.56
N GLY A 12 17.87 -18.15 -18.40
CA GLY A 12 16.96 -18.94 -17.59
C GLY A 12 15.75 -18.15 -17.12
N PHE A 13 15.97 -16.87 -16.85
CA PHE A 13 14.91 -16.03 -16.32
C PHE A 13 13.79 -15.84 -17.34
N LYS A 14 14.12 -16.04 -18.61
CA LYS A 14 13.16 -15.86 -19.71
C LYS A 14 12.18 -17.02 -19.84
N VAL A 15 12.45 -18.14 -19.18
CA VAL A 15 11.58 -19.31 -19.28
C VAL A 15 10.24 -19.00 -18.62
N SER A 16 9.14 -19.33 -19.31
CA SER A 16 7.82 -18.92 -18.84
C SER A 16 7.11 -19.92 -17.94
N THR A 17 7.23 -19.70 -16.64
CA THR A 17 6.45 -20.46 -15.68
C THR A 17 4.95 -20.20 -15.94
N VAL A 18 4.62 -18.95 -16.27
CA VAL A 18 3.23 -18.60 -16.57
C VAL A 18 2.62 -19.48 -17.66
N GLU A 19 3.34 -19.65 -18.77
CA GLU A 19 2.85 -20.49 -19.85
C GLU A 19 2.71 -21.95 -19.42
N SER A 20 3.62 -22.42 -18.58
CA SER A 20 3.54 -23.81 -18.12
CA SER A 20 3.55 -23.80 -18.11
C SER A 20 2.25 -24.07 -17.36
N ILE A 21 1.73 -23.03 -16.71
CA ILE A 21 0.51 -23.16 -15.90
C ILE A 21 -0.76 -22.86 -16.69
N LEU A 22 -0.69 -21.85 -17.54
CA LEU A 22 -1.89 -21.35 -18.22
C LEU A 22 -2.07 -21.81 -19.65
N GLY A 23 -0.98 -22.22 -20.31
CA GLY A 23 -1.03 -22.47 -21.74
C GLY A 23 -1.37 -21.20 -22.49
N GLY A 24 -2.21 -21.30 -23.51
CA GLY A 24 -2.54 -20.16 -24.33
C GLY A 24 -1.35 -19.61 -25.09
N ASP A 25 -1.39 -18.31 -25.34
CA ASP A 25 -0.32 -17.62 -26.00
C ASP A 25 0.29 -16.63 -25.04
N VAL A 26 1.54 -16.84 -24.67
CA VAL A 26 2.19 -16.01 -23.66
C VAL A 26 3.41 -15.35 -24.27
N THR A 27 3.49 -14.04 -24.18
CA THR A 27 4.56 -13.29 -24.83
C THR A 27 5.22 -12.35 -23.84
N THR A 28 6.55 -12.35 -23.82
CA THR A 28 7.28 -11.39 -23.01
C THR A 28 7.34 -10.07 -23.75
N THR A 29 6.65 -9.07 -23.23
CA THR A 29 6.57 -7.77 -23.90
C THR A 29 7.57 -6.75 -23.37
N TYR A 30 8.16 -7.03 -22.20
CA TYR A 30 9.17 -6.13 -21.62
C TYR A 30 10.08 -6.98 -20.76
N LEU A 31 11.37 -6.72 -20.86
CA LEU A 31 12.37 -7.46 -20.09
C LEU A 31 13.45 -6.50 -19.62
N SER A 32 13.69 -6.50 -18.31
CA SER A 32 14.76 -5.74 -17.69
C SER A 32 15.74 -6.75 -17.11
N SER A 33 16.95 -6.87 -17.67
CA SER A 33 17.84 -7.96 -17.30
CA SER A 33 17.84 -7.96 -17.31
C SER A 33 19.00 -7.54 -16.40
N SER A 34 19.06 -6.26 -16.03
CA SER A 34 20.12 -5.78 -15.15
CA SER A 34 20.11 -5.81 -15.13
C SER A 34 19.51 -5.19 -13.87
N LYS A 35 20.28 -5.20 -12.79
CA LYS A 35 19.83 -4.67 -11.51
C LYS A 35 19.27 -3.27 -11.71
N SER A 36 18.10 -3.02 -11.17
CA SER A 36 17.41 -1.76 -11.42
C SER A 36 16.99 -1.00 -10.17
N PHE A 37 17.07 -1.64 -9.01
CA PHE A 37 16.56 -1.05 -7.77
C PHE A 37 17.43 -1.56 -6.65
N GLN A 38 17.83 -0.64 -5.78
CA GLN A 38 18.46 -1.01 -4.52
C GLN A 38 18.06 0.00 -3.46
N LYS A 39 17.64 -0.50 -2.30
CA LYS A 39 17.34 0.35 -1.16
C LYS A 39 17.94 -0.27 0.08
N ASP A 40 18.76 0.51 0.77
CA ASP A 40 19.29 0.12 2.07
C ASP A 40 18.38 0.68 3.14
N PHE A 41 17.58 -0.19 3.76
CA PHE A 41 16.80 0.21 4.92
C PHE A 41 17.69 0.07 6.17
N GLU A 42 17.12 0.17 7.37
CA GLU A 42 17.93 0.13 8.59
C GLU A 42 18.75 -1.15 8.71
N ALA A 43 18.10 -2.29 8.48
CA ALA A 43 18.73 -3.60 8.58
C ALA A 43 18.75 -4.34 7.24
N LEU A 44 17.68 -4.21 6.48
CA LEU A 44 17.54 -4.94 5.22
C LEU A 44 17.90 -4.11 4.01
N THR A 45 18.60 -4.73 3.06
CA THR A 45 18.76 -4.15 1.74
C THR A 45 17.96 -4.97 0.75
N LEU A 46 17.13 -4.29 -0.04
CA LEU A 46 16.31 -4.96 -1.06
C LEU A 46 16.80 -4.56 -2.44
N PHE A 47 16.95 -5.54 -3.32
CA PHE A 47 17.42 -5.34 -4.68
C PHE A 47 16.42 -5.94 -5.65
N ILE A 48 16.23 -5.29 -6.80
CA ILE A 48 15.52 -5.92 -7.90
C ILE A 48 16.56 -6.25 -8.98
N ASN A 49 16.74 -7.55 -9.21
CA ASN A 49 17.80 -8.03 -10.09
C ASN A 49 17.44 -8.01 -11.57
N GLN A 50 16.18 -8.35 -11.86
CA GLN A 50 15.66 -8.37 -13.22
C GLN A 50 14.16 -8.56 -13.10
N TYR A 51 13.44 -8.24 -14.16
CA TYR A 51 12.02 -8.48 -14.19
C TYR A 51 11.50 -8.59 -15.61
N LYS A 52 10.34 -9.20 -15.76
CA LYS A 52 9.73 -9.41 -17.05
C LYS A 52 8.23 -9.18 -16.97
N VAL A 53 7.68 -8.75 -18.10
CA VAL A 53 6.24 -8.53 -18.26
C VAL A 53 5.77 -9.52 -19.31
N GLU A 54 4.75 -10.31 -18.98
CA GLU A 54 4.20 -11.29 -19.91
C GLU A 54 2.73 -11.04 -20.14
N HIS A 55 2.35 -11.02 -21.42
CA HIS A 55 0.96 -10.88 -21.84
C HIS A 55 0.39 -12.26 -22.10
N VAL A 56 -0.65 -12.61 -21.36
CA VAL A 56 -1.32 -13.88 -21.49
C VAL A 56 -2.59 -13.72 -22.32
N ILE A 57 -2.67 -14.45 -23.42
CA ILE A 57 -3.81 -14.40 -24.30
C ILE A 57 -4.48 -15.77 -24.42
N ASN A 58 -5.77 -15.81 -24.10
CA ASN A 58 -6.59 -17.00 -24.26
C ASN A 58 -6.00 -18.27 -23.64
N PRO A 59 -5.86 -18.28 -22.31
CA PRO A 59 -5.33 -19.46 -21.61
C PRO A 59 -6.09 -20.72 -21.99
N THR A 60 -5.38 -21.85 -22.05
CA THR A 60 -5.96 -23.10 -22.52
C THR A 60 -5.90 -24.23 -21.49
N LYS A 61 -5.17 -24.02 -20.41
CA LYS A 61 -5.00 -25.07 -19.40
C LYS A 61 -5.91 -24.88 -18.20
N GLU A 62 -6.35 -25.99 -17.64
CA GLU A 62 -7.18 -26.00 -16.45
C GLU A 62 -6.37 -25.60 -15.21
N VAL A 63 -6.94 -24.72 -14.40
CA VAL A 63 -6.33 -24.33 -13.14
C VAL A 63 -7.36 -24.46 -12.01
N SER A 64 -6.97 -25.07 -10.89
CA SER A 64 -7.88 -25.23 -9.76
CA SER A 64 -7.88 -25.23 -9.77
C SER A 64 -8.45 -23.89 -9.33
N ALA A 65 -9.75 -23.86 -9.07
CA ALA A 65 -10.42 -22.61 -8.70
C ALA A 65 -9.94 -22.05 -7.36
N SER A 66 -9.41 -22.92 -6.51
CA SER A 66 -8.94 -22.49 -5.19
C SER A 66 -7.53 -21.90 -5.27
N ASN A 67 -6.91 -22.02 -6.44
CA ASN A 67 -5.60 -21.44 -6.69
C ASN A 67 -5.77 -20.07 -7.31
N PRO A 68 -5.24 -19.02 -6.65
CA PRO A 68 -5.42 -17.66 -7.17
C PRO A 68 -4.89 -17.46 -8.59
N GLU A 69 -4.00 -18.34 -9.05
CA GLU A 69 -3.53 -18.30 -10.43
C GLU A 69 -4.72 -18.39 -11.41
N SER A 70 -5.82 -18.99 -10.95
CA SER A 70 -7.00 -19.19 -11.79
C SER A 70 -7.70 -17.86 -12.12
N TYR A 71 -7.27 -16.77 -11.50
CA TYR A 71 -7.72 -15.45 -11.94
C TYR A 71 -7.54 -15.31 -13.46
N LEU A 72 -6.47 -15.88 -14.01
CA LEU A 72 -6.21 -15.81 -15.45
C LEU A 72 -6.49 -17.13 -16.15
N ALA A 73 -7.39 -17.95 -15.62
CA ALA A 73 -7.71 -19.20 -16.31
C ALA A 73 -8.68 -18.97 -17.47
N ASN A 74 -9.48 -17.91 -17.39
CA ASN A 74 -10.54 -17.68 -18.35
C ASN A 74 -10.60 -16.27 -18.90
N LYS A 75 -9.46 -15.58 -18.87
CA LYS A 75 -9.38 -14.25 -19.43
C LYS A 75 -7.95 -13.94 -19.81
N ASN A 76 -7.79 -12.95 -20.69
CA ASN A 76 -6.47 -12.41 -20.99
C ASN A 76 -5.95 -11.61 -19.80
N GLY A 77 -4.64 -11.45 -19.70
CA GLY A 77 -4.10 -10.58 -18.68
C GLY A 77 -2.60 -10.48 -18.77
N TYR A 78 -2.00 -9.99 -17.69
CA TYR A 78 -0.55 -9.84 -17.63
C TYR A 78 -0.06 -10.38 -16.30
N VAL A 79 1.14 -10.97 -16.34
CA VAL A 79 1.86 -11.33 -15.13
C VAL A 79 3.21 -10.66 -15.22
N ILE A 80 3.56 -9.91 -14.18
CA ILE A 80 4.85 -9.25 -14.09
C ILE A 80 5.66 -9.96 -13.00
N THR A 81 6.80 -10.52 -13.37
CA THR A 81 7.63 -11.31 -12.47
C THR A 81 8.93 -10.59 -12.17
N LEU A 82 9.19 -10.41 -10.87
CA LEU A 82 10.42 -9.78 -10.39
C LEU A 82 11.31 -10.81 -9.70
N ASP A 83 12.61 -10.68 -9.95
CA ASP A 83 13.65 -11.44 -9.27
C ASP A 83 14.23 -10.47 -8.26
N ILE A 84 13.97 -10.73 -6.99
CA ILE A 84 14.43 -9.83 -5.95
CA ILE A 84 14.33 -9.85 -5.89
C ILE A 84 15.30 -10.50 -4.91
N SER A 85 16.19 -9.72 -4.32
CA SER A 85 17.05 -10.19 -3.23
C SER A 85 16.84 -9.33 -2.01
N ILE A 86 16.92 -9.97 -0.84
CA ILE A 86 16.88 -9.26 0.42
C ILE A 86 18.07 -9.71 1.26
N LYS A 87 18.94 -8.76 1.58
CA LYS A 87 20.11 -9.03 2.42
C LYS A 87 19.84 -8.48 3.81
N ASN A 88 20.07 -9.31 4.82
CA ASN A 88 19.94 -8.84 6.19
C ASN A 88 21.31 -8.47 6.74
N ASN A 89 21.54 -7.18 6.89
CA ASN A 89 22.82 -6.67 7.38
C ASN A 89 22.94 -6.66 8.90
N SER A 90 21.83 -6.90 9.58
CA SER A 90 21.79 -6.93 11.04
CA SER A 90 21.87 -6.90 11.05
C SER A 90 22.37 -8.23 11.59
N LYS A 91 22.65 -8.26 12.89
CA LYS A 91 23.09 -9.49 13.53
C LYS A 91 21.90 -10.27 14.06
N LYS A 92 20.71 -9.71 13.90
CA LYS A 92 19.47 -10.38 14.31
C LYS A 92 18.54 -10.63 13.13
N ASP A 93 17.82 -11.74 13.17
CA ASP A 93 16.82 -12.04 12.15
C ASP A 93 15.77 -10.94 12.08
N LYS A 94 15.27 -10.68 10.88
CA LYS A 94 14.31 -9.60 10.63
CA LYS A 94 14.30 -9.60 10.64
C LYS A 94 13.14 -10.06 9.77
N MSE A 95 11.95 -9.55 10.06
CA MSE A 95 10.75 -9.87 9.30
CA MSE A 95 10.75 -9.86 9.30
C MSE A 95 10.56 -8.94 8.08
O MSE A 95 10.83 -7.75 8.14
CB MSE A 95 9.50 -9.77 10.18
CB MSE A 95 9.52 -9.73 10.19
CG MSE A 95 9.45 -10.78 11.31
CG MSE A 95 8.75 -11.01 10.37
SE MSE A 95 8.94 -12.55 10.67
SE MSE A 95 6.85 -10.67 10.63
CE MSE A 95 7.07 -12.22 10.24
CE MSE A 95 6.25 -12.52 10.71
N TYR A 96 10.08 -9.51 6.99
CA TYR A 96 9.65 -8.70 5.84
C TYR A 96 8.62 -9.49 5.08
N LYS A 97 7.57 -8.81 4.62
CA LYS A 97 6.51 -9.46 3.85
C LYS A 97 6.46 -8.81 2.46
N ALA A 98 7.22 -9.37 1.53
CA ALA A 98 7.43 -8.75 0.23
C ALA A 98 6.16 -8.74 -0.64
N ASP A 99 5.20 -9.57 -0.28
CA ASP A 99 3.89 -9.54 -0.94
C ASP A 99 3.10 -8.26 -0.66
N GLN A 100 3.61 -7.41 0.24
CA GLN A 100 3.00 -6.11 0.47
C GLN A 100 3.59 -5.02 -0.42
N ILE A 101 4.60 -5.37 -1.22
CA ILE A 101 5.06 -4.49 -2.29
C ILE A 101 3.91 -4.37 -3.31
N SER A 102 3.71 -3.18 -3.86
CA SER A 102 2.65 -2.98 -4.83
CA SER A 102 2.64 -2.93 -4.82
C SER A 102 3.16 -2.22 -6.05
N LEU A 103 2.51 -2.47 -7.19
CA LEU A 103 2.73 -1.65 -8.38
C LEU A 103 1.71 -0.52 -8.35
N LEU A 104 2.21 0.70 -8.53
CA LEU A 104 1.43 1.93 -8.39
C LEU A 104 1.25 2.55 -9.77
N GLY A 105 0.05 2.41 -10.34
CA GLY A 105 -0.20 2.86 -11.71
C GLY A 105 -0.73 4.27 -11.81
N ALA A 106 -1.37 4.61 -12.92
CA ALA A 106 -1.92 5.94 -13.09
C ALA A 106 -3.12 6.15 -12.18
N SER A 107 -3.97 5.12 -12.07
CA SER A 107 -5.19 5.25 -11.28
C SER A 107 -5.56 3.94 -10.55
N LYS A 108 -4.66 2.96 -10.59
CA LYS A 108 -4.88 1.67 -9.94
CA LYS A 108 -4.89 1.68 -9.95
C LYS A 108 -3.59 1.22 -9.31
N SER A 109 -3.69 0.31 -8.35
CA SER A 109 -2.51 -0.36 -7.80
C SER A 109 -2.79 -1.86 -7.70
N VAL A 110 -1.72 -2.65 -7.78
CA VAL A 110 -1.81 -4.10 -7.71
C VAL A 110 -0.85 -4.64 -6.66
N GLY A 111 -1.35 -5.47 -5.76
CA GLY A 111 -0.51 -6.08 -4.73
C GLY A 111 0.25 -7.30 -5.24
N GLY A 112 1.39 -7.55 -4.64
CA GLY A 112 2.24 -8.65 -5.07
C GLY A 112 1.86 -10.01 -4.49
N SER A 113 2.49 -11.05 -5.02
CA SER A 113 2.33 -12.41 -4.53
C SER A 113 3.68 -13.12 -4.50
N LEU A 114 3.93 -13.84 -3.42
CA LEU A 114 5.11 -14.70 -3.30
C LEU A 114 4.82 -16.13 -3.76
N ASP A 115 3.61 -16.36 -4.27
CA ASP A 115 3.19 -17.69 -4.70
C ASP A 115 2.80 -17.81 -6.18
N ASN A 116 2.05 -16.84 -6.69
CA ASN A 116 1.45 -17.01 -8.01
C ASN A 116 2.50 -17.10 -9.11
N PHE A 117 2.44 -18.17 -9.91
CA PHE A 117 3.27 -18.32 -11.11
C PHE A 117 4.77 -18.36 -10.81
N ILE A 118 5.12 -18.99 -9.70
CA ILE A 118 6.51 -19.09 -9.27
C ILE A 118 6.89 -20.56 -9.19
N PRO A 119 7.96 -20.96 -9.90
CA PRO A 119 8.31 -22.38 -9.97
C PRO A 119 9.00 -22.87 -8.70
N SER A 120 8.84 -24.16 -8.41
CA SER A 120 9.46 -24.77 -7.25
CA SER A 120 9.46 -24.76 -7.24
C SER A 120 10.96 -24.50 -7.25
N GLY A 121 11.47 -24.07 -6.10
CA GLY A 121 12.89 -23.78 -5.95
C GLY A 121 13.25 -22.32 -6.13
N PHE A 122 12.27 -21.49 -6.48
CA PHE A 122 12.57 -20.08 -6.76
C PHE A 122 11.75 -19.10 -5.94
N HIS A 123 11.12 -19.59 -4.87
CA HIS A 123 10.41 -18.71 -3.96
C HIS A 123 11.38 -17.91 -3.12
N LEU A 124 10.96 -16.71 -2.74
CA LEU A 124 11.74 -15.89 -1.81
C LEU A 124 11.45 -16.38 -0.40
N ILE A 125 12.44 -17.00 0.22
CA ILE A 125 12.27 -17.62 1.52
C ILE A 125 13.37 -17.14 2.44
N GLY A 126 13.00 -16.35 3.45
CA GLY A 126 13.99 -15.73 4.31
C GLY A 126 14.76 -16.71 5.19
N SER A 127 14.10 -17.81 5.55
CA SER A 127 14.72 -18.82 6.41
C SER A 127 13.84 -20.06 6.41
N SER A 128 14.37 -21.18 6.90
CA SER A 128 13.60 -22.41 6.89
C SER A 128 12.50 -22.42 7.95
N SER A 129 12.58 -21.48 8.90
CA SER A 129 11.57 -21.37 9.97
C SER A 129 10.29 -20.67 9.50
N ASP A 130 10.44 -19.67 8.64
CA ASP A 130 9.34 -18.80 8.26
C ASP A 130 9.84 -18.04 7.05
N PRO A 131 9.14 -18.16 5.91
CA PRO A 131 9.64 -17.45 4.72
C PRO A 131 9.69 -15.94 4.91
N TYR A 132 8.94 -15.41 5.87
CA TYR A 132 8.95 -13.98 6.14
C TYR A 132 10.10 -13.57 7.07
N ASN A 133 10.78 -14.53 7.68
CA ASN A 133 11.89 -14.26 8.58
C ASN A 133 13.22 -14.38 7.85
N PHE A 134 13.98 -13.29 7.81
CA PHE A 134 15.22 -13.24 7.06
C PHE A 134 16.45 -13.37 7.96
N THR A 135 17.22 -14.43 7.72
CA THR A 135 18.35 -14.77 8.56
C THR A 135 19.43 -13.70 8.57
N ALA A 136 19.89 -13.37 9.77
CA ALA A 136 20.97 -12.40 9.97
C ALA A 136 22.19 -12.74 9.11
N GLY A 137 22.68 -11.74 8.39
CA GLY A 137 23.92 -11.90 7.63
C GLY A 137 23.78 -12.68 6.33
N LYS A 138 22.55 -13.00 5.95
CA LYS A 138 22.31 -13.79 4.74
C LYS A 138 21.56 -12.99 3.68
N THR A 139 21.70 -13.43 2.43
CA THR A 139 20.92 -12.87 1.33
C THR A 139 19.97 -13.93 0.78
N ALA A 140 18.68 -13.61 0.79
CA ALA A 140 17.67 -14.46 0.19
C ALA A 140 17.30 -13.89 -1.18
N ARG A 141 17.02 -14.78 -2.13
CA ARG A 141 16.67 -14.37 -3.48
C ARG A 141 15.51 -15.22 -3.97
N GLY A 142 14.58 -14.62 -4.70
CA GLY A 142 13.43 -15.35 -5.19
C GLY A 142 12.48 -14.43 -5.90
N LEU A 143 11.32 -14.95 -6.29
CA LEU A 143 10.41 -14.23 -7.17
C LEU A 143 9.24 -13.58 -6.44
N LEU A 144 8.73 -12.51 -7.06
CA LEU A 144 7.55 -11.81 -6.61
C LEU A 144 6.77 -11.48 -7.88
N THR A 145 5.47 -11.80 -7.91
CA THR A 145 4.70 -11.56 -9.12
C THR A 145 3.51 -10.65 -8.88
N PHE A 146 3.08 -10.02 -9.97
CA PHE A 146 1.88 -9.19 -9.99
C PHE A 146 1.00 -9.66 -11.14
N THR A 147 -0.25 -9.99 -10.83
CA THR A 147 -1.19 -10.56 -11.80
C THR A 147 -2.36 -9.61 -12.00
N MSE A 148 -2.76 -9.38 -13.25
CA MSE A 148 -3.78 -8.39 -13.53
C MSE A 148 -4.44 -8.63 -14.86
O MSE A 148 -3.93 -9.39 -15.70
CB MSE A 148 -3.14 -6.99 -13.53
CG MSE A 148 -2.16 -6.78 -14.68
SE MSE A 148 -0.86 -5.36 -14.32
CE MSE A 148 0.21 -6.32 -13.01
N ASP A 149 -5.58 -7.98 -15.09
CA ASP A 149 -6.25 -8.02 -16.39
C ASP A 149 -5.62 -6.99 -17.35
N GLU A 150 -6.10 -6.96 -18.59
CA GLU A 150 -5.48 -6.09 -19.58
C GLU A 150 -5.68 -4.61 -19.27
N ALA A 151 -6.87 -4.24 -18.84
CA ALA A 151 -7.13 -2.82 -18.58
C ALA A 151 -6.25 -2.34 -17.44
N THR A 152 -6.02 -3.20 -16.46
CA THR A 152 -5.21 -2.81 -15.31
C THR A 152 -3.75 -2.65 -15.73
N TYR A 153 -3.22 -3.57 -16.54
CA TYR A 153 -1.90 -3.37 -17.10
C TYR A 153 -1.80 -2.06 -17.86
N ASN A 154 -2.79 -1.76 -18.70
CA ASN A 154 -2.71 -0.56 -19.51
C ASN A 154 -2.66 0.68 -18.62
N ASP A 155 -3.42 0.66 -17.53
CA ASP A 155 -3.39 1.76 -16.56
C ASP A 155 -2.03 1.89 -15.88
N LEU A 156 -1.48 0.78 -15.41
CA LEU A 156 -0.20 0.85 -14.73
C LEU A 156 0.88 1.34 -15.67
N ALA A 157 0.86 0.85 -16.91
CA ALA A 157 1.94 1.10 -17.86
C ALA A 157 2.03 2.57 -18.24
N LYS A 158 0.92 3.29 -18.09
CA LYS A 158 0.89 4.73 -18.37
C LYS A 158 1.78 5.56 -17.44
N ASP A 159 1.92 5.10 -16.20
CA ASP A 159 2.67 5.87 -15.20
C ASP A 159 3.00 4.93 -14.07
N SER A 160 4.04 4.13 -14.27
CA SER A 160 4.31 2.95 -13.45
C SER A 160 5.43 3.17 -12.42
N GLN A 161 5.06 3.07 -11.15
CA GLN A 161 6.05 3.01 -10.07
C GLN A 161 5.84 1.74 -9.25
N ILE A 162 6.83 1.44 -8.41
CA ILE A 162 6.75 0.35 -7.46
C ILE A 162 6.84 0.93 -6.05
N GLY A 163 5.99 0.43 -5.17
CA GLY A 163 5.95 0.86 -3.78
C GLY A 163 6.51 -0.23 -2.88
N VAL A 164 7.60 0.09 -2.21
CA VAL A 164 8.31 -0.88 -1.37
C VAL A 164 8.29 -0.41 0.08
N PRO A 165 7.52 -1.10 0.94
CA PRO A 165 7.40 -0.64 2.33
C PRO A 165 8.67 -0.78 3.13
N ASP A 166 8.88 0.16 4.05
CA ASP A 166 9.94 0.07 5.03
C ASP A 166 9.73 -1.18 5.89
N PRO A 167 10.77 -2.02 6.03
CA PRO A 167 10.69 -3.20 6.91
C PRO A 167 10.30 -2.88 8.34
N SER A 168 10.44 -1.61 8.77
CA SER A 168 10.08 -1.26 10.13
C SER A 168 8.63 -1.61 10.47
N ARG A 169 7.76 -1.64 9.46
CA ARG A 169 6.35 -1.97 9.72
C ARG A 169 6.17 -3.41 10.21
N PHE A 170 7.16 -4.26 9.97
CA PHE A 170 7.09 -5.66 10.37
C PHE A 170 7.93 -5.95 11.60
N ASP A 171 8.51 -4.91 12.18
CA ASP A 171 9.38 -5.03 13.35
C ASP A 171 8.66 -4.57 14.61
N SER A 172 8.32 -5.52 15.47
CA SER A 172 7.53 -5.28 16.68
C SER A 172 8.06 -4.14 17.55
N SER A 173 9.37 -3.89 17.48
CA SER A 173 9.99 -2.90 18.35
C SER A 173 10.21 -1.56 17.65
N GLY A 177 5.61 4.92 13.27
CA GLY A 177 5.09 4.72 11.93
C GLY A 177 5.57 5.76 10.94
N SER A 178 5.63 7.02 11.39
CA SER A 178 6.06 8.10 10.50
C SER A 178 7.57 8.06 10.28
N SER A 179 8.26 7.21 11.04
CA SER A 179 9.67 6.98 10.83
C SER A 179 9.89 6.09 9.62
N GLN A 180 8.81 5.53 9.08
CA GLN A 180 8.91 4.69 7.90
C GLN A 180 9.47 5.44 6.70
N ASP A 181 10.45 4.82 6.08
CA ASP A 181 11.04 5.28 4.84
C ASP A 181 10.47 4.39 3.73
N ASN A 182 9.18 4.55 3.43
CA ASN A 182 8.55 3.78 2.36
C ASN A 182 8.94 4.35 1.03
N VAL A 183 9.41 3.49 0.14
CA VAL A 183 9.93 3.91 -1.14
C VAL A 183 8.91 3.82 -2.27
N VAL A 184 8.92 4.81 -3.13
CA VAL A 184 8.25 4.76 -4.45
C VAL A 184 9.37 4.93 -5.46
N ALA A 185 9.46 4.02 -6.42
CA ALA A 185 10.54 4.04 -7.39
C ALA A 185 10.00 3.87 -8.81
N PRO A 186 10.70 4.42 -9.81
CA PRO A 186 10.23 4.22 -11.18
C PRO A 186 10.25 2.74 -11.53
N PHE A 187 9.26 2.28 -12.29
CA PHE A 187 9.18 0.87 -12.64
C PHE A 187 8.58 0.72 -14.04
N PRO A 188 9.35 1.07 -15.07
CA PRO A 188 8.81 0.97 -16.43
C PRO A 188 8.44 -0.46 -16.77
N ILE A 189 7.31 -0.64 -17.42
CA ILE A 189 6.83 -1.98 -17.76
C ILE A 189 6.40 -2.07 -19.22
N LYS A 190 6.79 -1.07 -20.01
CA LYS A 190 6.62 -1.12 -21.46
C LYS A 190 7.66 -0.24 -22.12
N ALA B 3 -14.48 29.74 16.06
CA ALA B 3 -14.57 28.34 16.46
C ALA B 3 -13.54 27.99 17.54
N GLU B 4 -14.02 27.47 18.67
CA GLU B 4 -13.15 27.14 19.79
C GLU B 4 -12.74 25.66 19.80
N ALA B 5 -13.72 24.78 19.69
CA ALA B 5 -13.47 23.34 19.80
C ALA B 5 -13.51 22.64 18.45
N PHE B 6 -12.62 21.67 18.26
CA PHE B 6 -12.63 20.89 17.03
C PHE B 6 -13.98 20.20 16.84
N SER B 7 -14.45 20.17 15.60
CA SER B 7 -15.63 19.39 15.23
C SER B 7 -15.56 19.11 13.74
N PHE B 8 -16.57 18.40 13.22
CA PHE B 8 -16.64 18.14 11.79
C PHE B 8 -17.27 19.31 11.04
N SER B 9 -17.75 20.34 11.73
CA SER B 9 -18.37 21.46 11.02
C SER B 9 -17.29 22.23 10.23
N PRO B 10 -17.72 23.08 9.30
CA PRO B 10 -16.71 23.77 8.50
C PRO B 10 -15.76 24.61 9.38
N SER B 11 -16.27 25.27 10.40
CA SER B 11 -15.41 26.08 11.27
CA SER B 11 -15.41 26.08 11.27
C SER B 11 -14.68 25.21 12.29
N GLY B 12 -15.36 24.21 12.84
CA GLY B 12 -14.77 23.33 13.81
C GLY B 12 -13.58 22.57 13.25
N PHE B 13 -13.66 22.19 11.98
CA PHE B 13 -12.61 21.40 11.37
C PHE B 13 -11.29 22.15 11.31
N LYS B 14 -11.35 23.48 11.30
CA LYS B 14 -10.16 24.32 11.19
C LYS B 14 -9.37 24.43 12.50
N VAL B 15 -9.96 23.98 13.60
CA VAL B 15 -9.28 24.02 14.89
C VAL B 15 -8.15 23.00 14.95
N SER B 16 -6.99 23.40 15.44
CA SER B 16 -5.80 22.55 15.38
C SER B 16 -5.58 21.62 16.58
N THR B 17 -5.97 20.36 16.41
CA THR B 17 -5.62 19.33 17.36
C THR B 17 -4.10 19.16 17.42
N VAL B 18 -3.46 19.28 16.26
CA VAL B 18 -2.02 19.15 16.18
C VAL B 18 -1.29 20.13 17.11
N GLU B 19 -1.68 21.41 17.05
CA GLU B 19 -1.04 22.41 17.90
C GLU B 19 -1.27 22.13 19.39
N SER B 20 -2.45 21.61 19.70
CA SER B 20 -2.78 21.31 21.09
C SER B 20 -1.83 20.25 21.65
N ILE B 21 -1.31 19.40 20.77
CA ILE B 21 -0.44 18.31 21.19
C ILE B 21 1.06 18.63 21.10
N LEU B 22 1.46 19.36 20.06
CA LEU B 22 2.88 19.59 19.77
C LEU B 22 3.37 20.97 20.16
N GLY B 23 2.44 21.91 20.30
CA GLY B 23 2.84 23.30 20.45
C GLY B 23 3.55 23.79 19.20
N GLY B 24 4.58 24.61 19.38
CA GLY B 24 5.30 25.14 18.24
C GLY B 24 4.51 26.13 17.40
N ASP B 25 5.00 26.34 16.19
CA ASP B 25 4.48 27.30 15.22
C ASP B 25 3.73 26.46 14.20
N VAL B 26 2.39 26.47 14.28
CA VAL B 26 1.57 25.61 13.42
C VAL B 26 0.70 26.45 12.51
N THR B 27 0.71 26.12 11.22
CA THR B 27 -0.08 26.87 10.26
CA THR B 27 0.00 26.88 10.20
C THR B 27 -0.77 25.93 9.30
N THR B 28 -2.01 26.26 8.96
CA THR B 28 -2.74 25.50 7.97
C THR B 28 -2.36 26.04 6.60
N THR B 29 -1.63 25.24 5.83
CA THR B 29 -1.09 25.71 4.56
C THR B 29 -2.00 25.37 3.38
N TYR B 30 -2.90 24.42 3.58
CA TYR B 30 -3.84 24.04 2.54
C TYR B 30 -5.11 23.51 3.19
N LEU B 31 -6.26 23.93 2.69
CA LEU B 31 -7.53 23.47 3.22
C LEU B 31 -8.46 23.19 2.05
N SER B 32 -9.04 21.99 2.03
CA SER B 32 -9.99 21.60 1.01
C SER B 32 -11.29 21.36 1.75
N SER B 33 -12.22 22.30 1.66
CA SER B 33 -13.38 22.31 2.54
C SER B 33 -14.61 21.67 1.92
N SER B 34 -14.48 21.21 0.68
CA SER B 34 -15.59 20.55 -0.01
C SER B 34 -15.22 19.14 -0.39
N LYS B 35 -16.24 18.31 -0.61
CA LYS B 35 -16.02 16.93 -1.00
C LYS B 35 -15.05 16.87 -2.17
N SER B 36 -14.06 15.97 -2.07
CA SER B 36 -13.04 15.90 -3.11
C SER B 36 -12.88 14.50 -3.69
N PHE B 37 -13.60 13.54 -3.15
CA PHE B 37 -13.45 12.14 -3.56
C PHE B 37 -14.73 11.40 -3.18
N GLN B 38 -15.26 10.61 -4.10
CA GLN B 38 -16.27 9.61 -3.80
C GLN B 38 -15.96 8.38 -4.63
N LYS B 39 -15.80 7.23 -3.98
CA LYS B 39 -15.65 5.98 -4.72
C LYS B 39 -16.67 4.96 -4.26
N ASP B 40 -17.45 4.44 -5.20
CA ASP B 40 -18.39 3.36 -4.93
C ASP B 40 -17.73 2.02 -5.20
N PHE B 41 -17.42 1.28 -4.15
CA PHE B 41 -17.00 -0.09 -4.32
C PHE B 41 -18.24 -0.98 -4.33
N GLU B 42 -18.07 -2.30 -4.20
CA GLU B 42 -19.21 -3.20 -4.39
C GLU B 42 -20.31 -2.92 -3.36
N ALA B 43 -19.90 -2.72 -2.12
CA ALA B 43 -20.83 -2.50 -1.01
C ALA B 43 -20.61 -1.16 -0.30
N LEU B 44 -19.33 -0.76 -0.17
CA LEU B 44 -18.99 0.44 0.58
C LEU B 44 -18.73 1.58 -0.36
N THR B 45 -19.19 2.77 0.03
CA THR B 45 -18.82 4.00 -0.65
C THR B 45 -17.96 4.84 0.31
N LEU B 46 -16.80 5.27 -0.17
CA LEU B 46 -15.91 6.12 0.61
CA LEU B 46 -15.93 6.11 0.62
C LEU B 46 -15.99 7.55 0.11
N PHE B 47 -16.21 8.49 1.02
CA PHE B 47 -16.24 9.91 0.71
C PHE B 47 -15.09 10.60 1.45
N ILE B 48 -14.42 11.55 0.79
CA ILE B 48 -13.56 12.47 1.52
C ILE B 48 -14.30 13.79 1.59
N ASN B 49 -14.71 14.17 2.80
CA ASN B 49 -15.57 15.33 3.02
C ASN B 49 -14.81 16.65 3.01
N GLN B 50 -13.63 16.66 3.63
CA GLN B 50 -12.77 17.83 3.69
C GLN B 50 -11.42 17.36 4.20
N TYR B 51 -10.38 18.16 3.99
CA TYR B 51 -9.09 17.84 4.58
C TYR B 51 -8.25 19.08 4.74
N LYS B 52 -7.24 19.00 5.60
CA LYS B 52 -6.36 20.12 5.86
C LYS B 52 -4.92 19.65 5.96
N VAL B 53 -4.01 20.56 5.62
CA VAL B 53 -2.57 20.30 5.71
C VAL B 53 -2.02 21.32 6.67
N GLU B 54 -1.34 20.85 7.71
CA GLU B 54 -0.75 21.73 8.72
C GLU B 54 0.76 21.57 8.78
N HIS B 55 1.46 22.70 8.77
CA HIS B 55 2.91 22.75 8.90
C HIS B 55 3.24 23.05 10.34
N VAL B 56 4.01 22.17 10.97
CA VAL B 56 4.50 22.35 12.32
C VAL B 56 5.99 22.64 12.27
N ILE B 57 6.41 23.78 12.81
CA ILE B 57 7.84 24.00 12.98
C ILE B 57 8.15 24.29 14.43
N ASN B 58 9.34 23.87 14.85
CA ASN B 58 9.85 24.16 16.17
C ASN B 58 8.89 23.79 17.30
N PRO B 59 8.48 22.51 17.34
CA PRO B 59 7.55 22.03 18.36
C PRO B 59 8.13 22.24 19.77
N THR B 60 7.24 22.45 20.73
CA THR B 60 7.64 22.85 22.07
C THR B 60 6.99 22.05 23.21
N LYS B 61 6.02 21.21 22.91
CA LYS B 61 5.35 20.50 23.98
C LYS B 61 5.94 19.13 24.24
N GLU B 62 5.76 18.66 25.46
CA GLU B 62 6.17 17.32 25.84
C GLU B 62 5.21 16.30 25.25
N VAL B 63 5.76 15.32 24.56
CA VAL B 63 4.96 14.22 24.04
C VAL B 63 5.64 12.91 24.39
N SER B 64 4.88 11.99 24.97
CA SER B 64 5.39 10.68 25.33
C SER B 64 6.21 10.11 24.18
N ALA B 65 7.47 9.78 24.46
CA ALA B 65 8.38 9.31 23.43
C ALA B 65 7.88 8.07 22.70
N SER B 66 7.00 7.31 23.35
CA SER B 66 6.45 6.08 22.75
C SER B 66 5.20 6.34 21.92
N ASN B 67 4.59 7.51 22.09
CA ASN B 67 3.44 7.91 21.30
C ASN B 67 3.90 8.32 19.90
N PRO B 68 3.34 7.67 18.87
CA PRO B 68 3.71 7.94 17.47
C PRO B 68 3.62 9.42 17.08
N GLU B 69 2.76 10.16 17.76
CA GLU B 69 2.68 11.62 17.57
C GLU B 69 4.00 12.30 17.90
N SER B 70 4.80 11.66 18.75
CA SER B 70 6.10 12.23 19.15
C SER B 70 7.08 12.37 17.98
N TYR B 71 6.77 11.73 16.86
CA TYR B 71 7.62 11.86 15.68
C TYR B 71 7.81 13.33 15.34
N LEU B 72 6.80 14.15 15.59
CA LEU B 72 6.92 15.59 15.33
C LEU B 72 7.04 16.43 16.60
N ALA B 73 7.49 15.84 17.68
CA ALA B 73 7.72 16.61 18.91
C ALA B 73 9.11 17.23 18.96
N ASN B 74 10.00 16.76 18.09
CA ASN B 74 11.39 17.22 18.11
C ASN B 74 11.93 17.56 16.72
N LYS B 75 11.03 17.73 15.76
CA LYS B 75 11.42 18.13 14.42
C LYS B 75 10.23 18.74 13.70
N ASN B 76 10.52 19.48 12.64
CA ASN B 76 9.48 20.07 11.82
C ASN B 76 8.80 19.02 10.97
N GLY B 77 7.55 19.27 10.62
CA GLY B 77 6.89 18.38 9.69
C GLY B 77 5.51 18.85 9.35
N TYR B 78 4.73 17.92 8.80
CA TYR B 78 3.38 18.21 8.37
C TYR B 78 2.44 17.13 8.84
N VAL B 79 1.22 17.54 9.20
CA VAL B 79 0.15 16.58 9.48
C VAL B 79 -0.99 16.90 8.55
N ILE B 80 -1.46 15.88 7.83
CA ILE B 80 -2.58 16.03 6.91
C ILE B 80 -3.75 15.27 7.51
N THR B 81 -4.85 15.98 7.75
CA THR B 81 -6.01 15.40 8.40
C THR B 81 -7.17 15.35 7.43
N LEU B 82 -7.71 14.14 7.23
CA LEU B 82 -8.87 13.93 6.37
C LEU B 82 -10.09 13.60 7.20
N ASP B 83 -11.22 14.19 6.82
CA ASP B 83 -12.53 13.89 7.36
C ASP B 83 -13.18 13.00 6.32
N ILE B 84 -13.37 11.74 6.65
CA ILE B 84 -13.91 10.77 5.71
C ILE B 84 -15.19 10.12 6.23
N SER B 85 -16.01 9.66 5.30
CA SER B 85 -17.18 8.88 5.62
C SER B 85 -17.20 7.59 4.85
N ILE B 86 -17.65 6.52 5.50
CA ILE B 86 -17.83 5.23 4.85
C ILE B 86 -19.29 4.85 4.99
N LYS B 87 -19.96 4.73 3.84
CA LYS B 87 -21.36 4.37 3.76
C LYS B 87 -21.47 2.91 3.36
N ASN B 88 -22.16 2.10 4.15
CA ASN B 88 -22.39 0.72 3.79
C ASN B 88 -23.75 0.58 3.12
N ASN B 89 -23.74 0.35 1.80
CA ASN B 89 -24.97 0.24 1.02
C ASN B 89 -25.62 -1.12 1.09
N SER B 90 -24.91 -2.10 1.63
CA SER B 90 -25.34 -3.49 1.72
CA SER B 90 -25.47 -3.45 1.65
C SER B 90 -26.29 -3.73 2.90
N LYS B 91 -26.96 -4.87 2.87
CA LYS B 91 -27.77 -5.33 3.99
C LYS B 91 -26.91 -6.12 4.99
N LYS B 92 -25.64 -6.32 4.65
CA LYS B 92 -24.71 -7.05 5.49
CA LYS B 92 -24.71 -7.05 5.49
C LYS B 92 -23.57 -6.15 5.96
N ASP B 93 -23.08 -6.39 7.17
CA ASP B 93 -21.92 -5.68 7.69
C ASP B 93 -20.70 -6.00 6.83
N LYS B 94 -19.83 -5.01 6.64
CA LYS B 94 -18.62 -5.19 5.81
C LYS B 94 -17.40 -4.62 6.52
N MSE B 95 -16.26 -5.29 6.35
CA MSE B 95 -15.01 -4.83 6.97
CA MSE B 95 -15.00 -4.85 6.95
C MSE B 95 -14.27 -3.81 6.11
O MSE B 95 -14.26 -3.88 4.87
CB MSE B 95 -14.08 -6.01 7.19
CB MSE B 95 -14.08 -6.04 7.08
CG MSE B 95 -14.69 -7.15 7.96
CG MSE B 95 -14.78 -7.30 7.51
SE MSE B 95 -14.77 -6.88 9.87
SE MSE B 95 -13.86 -8.07 9.01
CE MSE B 95 -12.86 -6.81 10.23
CE MSE B 95 -13.96 -6.51 10.19
N TYR B 96 -13.62 -2.86 6.77
CA TYR B 96 -12.72 -1.95 6.08
C TYR B 96 -11.68 -1.44 7.06
N LYS B 97 -10.45 -1.28 6.58
CA LYS B 97 -9.33 -0.84 7.43
C LYS B 97 -8.73 0.43 6.82
N ALA B 98 -9.27 1.57 7.21
CA ALA B 98 -8.95 2.83 6.53
C ALA B 98 -7.51 3.28 6.80
N ASP B 99 -6.88 2.75 7.84
CA ASP B 99 -5.47 3.07 8.08
CA ASP B 99 -5.48 3.07 8.09
C ASP B 99 -4.56 2.49 7.02
N GLN B 100 -5.10 1.64 6.14
CA GLN B 100 -4.33 1.10 5.03
C GLN B 100 -4.37 2.00 3.78
N ILE B 101 -5.11 3.10 3.86
CA ILE B 101 -5.03 4.14 2.85
C ILE B 101 -3.67 4.82 2.95
N SER B 102 -3.08 5.17 1.81
CA SER B 102 -1.76 5.81 1.81
CA SER B 102 -1.76 5.80 1.79
C SER B 102 -1.73 7.04 0.90
N LEU B 103 -0.82 7.95 1.21
CA LEU B 103 -0.50 9.04 0.30
C LEU B 103 0.75 8.65 -0.48
N LEU B 104 0.69 8.84 -1.80
CA LEU B 104 1.74 8.44 -2.72
C LEU B 104 2.41 9.65 -3.32
N GLY B 105 3.69 9.84 -3.02
CA GLY B 105 4.45 10.94 -3.58
C GLY B 105 5.35 10.52 -4.72
N ALA B 106 6.40 11.30 -4.94
CA ALA B 106 7.33 11.08 -6.04
C ALA B 106 8.26 9.91 -5.76
N SER B 107 8.80 9.85 -4.55
CA SER B 107 9.71 8.76 -4.18
C SER B 107 9.42 8.19 -2.80
N LYS B 108 8.34 8.66 -2.18
CA LYS B 108 7.97 8.25 -0.81
C LYS B 108 6.48 8.03 -0.75
N SER B 109 6.04 7.23 0.21
CA SER B 109 4.62 7.12 0.54
C SER B 109 4.46 7.17 2.04
N VAL B 110 3.27 7.59 2.48
CA VAL B 110 2.99 7.73 3.90
C VAL B 110 1.71 6.97 4.22
N GLY B 111 1.78 6.10 5.21
CA GLY B 111 0.61 5.35 5.62
C GLY B 111 -0.31 6.14 6.53
N GLY B 112 -1.60 5.89 6.43
CA GLY B 112 -2.57 6.58 7.26
C GLY B 112 -2.64 6.07 8.70
N SER B 113 -3.20 6.90 9.57
CA SER B 113 -3.42 6.55 10.96
C SER B 113 -4.83 6.91 11.35
N LEU B 114 -5.49 6.02 12.09
CA LEU B 114 -6.77 6.32 12.67
C LEU B 114 -6.66 6.86 14.09
N ASP B 115 -5.44 7.12 14.57
CA ASP B 115 -5.26 7.66 15.93
CA ASP B 115 -5.30 7.71 15.91
C ASP B 115 -4.48 8.98 16.03
N ASN B 116 -3.39 9.09 15.30
CA ASN B 116 -2.51 10.25 15.51
C ASN B 116 -3.24 11.56 15.28
N PHE B 117 -3.20 12.45 16.27
CA PHE B 117 -3.76 13.78 16.17
C PHE B 117 -5.27 13.78 15.92
N ILE B 118 -5.95 12.79 16.49
CA ILE B 118 -7.39 12.65 16.34
C ILE B 118 -8.00 12.61 17.73
N PRO B 119 -8.84 13.60 18.08
CA PRO B 119 -9.42 13.64 19.43
C PRO B 119 -10.55 12.62 19.64
N SER B 120 -10.73 12.19 20.89
CA SER B 120 -11.85 11.32 21.23
CA SER B 120 -11.85 11.33 21.24
C SER B 120 -13.15 11.95 20.75
N GLY B 121 -14.02 11.13 20.19
CA GLY B 121 -15.28 11.60 19.63
C GLY B 121 -15.22 11.74 18.11
N PHE B 122 -14.02 11.62 17.55
CA PHE B 122 -13.84 11.89 16.11
C PHE B 122 -13.15 10.77 15.36
N HIS B 123 -12.98 9.63 16.03
CA HIS B 123 -12.46 8.44 15.36
C HIS B 123 -13.47 7.83 14.40
N LEU B 124 -12.95 7.22 13.34
CA LEU B 124 -13.77 6.46 12.41
C LEU B 124 -14.04 5.08 13.02
N ILE B 125 -15.29 4.81 13.34
CA ILE B 125 -15.68 3.59 14.04
CA ILE B 125 -15.67 3.59 14.04
C ILE B 125 -16.87 2.95 13.33
N GLY B 126 -16.66 1.79 12.72
CA GLY B 126 -17.73 1.15 11.96
C GLY B 126 -18.87 0.60 12.79
N SER B 127 -18.55 0.14 14.00
CA SER B 127 -19.53 -0.45 14.92
C SER B 127 -18.86 -0.57 16.28
N SER B 128 -19.64 -0.69 17.35
CA SER B 128 -19.10 -0.82 18.69
CA SER B 128 -19.07 -0.80 18.68
C SER B 128 -18.35 -2.14 18.88
N SER B 129 -18.85 -3.19 18.24
CA SER B 129 -18.22 -4.50 18.38
CA SER B 129 -18.23 -4.51 18.35
C SER B 129 -16.86 -4.59 17.68
N ASP B 130 -16.64 -3.75 16.67
CA ASP B 130 -15.37 -3.77 15.96
C ASP B 130 -15.30 -2.51 15.11
N PRO B 131 -14.39 -1.58 15.45
CA PRO B 131 -14.25 -0.36 14.65
C PRO B 131 -14.00 -0.61 13.16
N TYR B 132 -13.50 -1.78 12.79
CA TYR B 132 -13.25 -2.11 11.40
C TYR B 132 -14.47 -2.75 10.71
N ASN B 133 -15.53 -3.06 11.46
CA ASN B 133 -16.73 -3.66 10.89
C ASN B 133 -17.80 -2.60 10.75
N PHE B 134 -18.20 -2.32 9.53
CA PHE B 134 -19.14 -1.23 9.23
C PHE B 134 -20.55 -1.76 9.09
N THR B 135 -21.41 -1.33 10.02
CA THR B 135 -22.77 -1.82 10.11
C THR B 135 -23.56 -1.59 8.82
N ALA B 136 -24.29 -2.62 8.40
CA ALA B 136 -25.13 -2.55 7.22
C ALA B 136 -26.02 -1.33 7.26
N GLY B 137 -26.07 -0.60 6.15
CA GLY B 137 -26.98 0.52 5.99
C GLY B 137 -26.50 1.84 6.57
N LYS B 138 -25.45 1.81 7.39
CA LYS B 138 -25.05 2.98 8.16
C LYS B 138 -23.89 3.73 7.50
N THR B 139 -23.72 4.98 7.87
CA THR B 139 -22.56 5.78 7.48
C THR B 139 -21.76 6.15 8.71
N ALA B 140 -20.48 5.80 8.70
CA ALA B 140 -19.57 6.19 9.78
C ALA B 140 -18.70 7.32 9.30
N ARG B 141 -18.50 8.34 10.13
CA ARG B 141 -17.65 9.48 9.78
C ARG B 141 -16.52 9.60 10.81
N GLY B 142 -15.32 9.95 10.36
CA GLY B 142 -14.22 10.09 11.29
C GLY B 142 -12.97 10.56 10.58
N LEU B 143 -11.89 10.66 11.34
CA LEU B 143 -10.66 11.22 10.81
C LEU B 143 -9.62 10.18 10.46
N LEU B 144 -8.75 10.58 9.53
CA LEU B 144 -7.61 9.78 9.11
C LEU B 144 -6.46 10.76 8.91
N THR B 145 -5.32 10.49 9.52
CA THR B 145 -4.20 11.44 9.41
C THR B 145 -2.96 10.84 8.78
N PHE B 146 -2.13 11.72 8.22
CA PHE B 146 -0.83 11.37 7.65
C PHE B 146 0.19 12.31 8.23
N THR B 147 1.20 11.74 8.87
CA THR B 147 2.24 12.49 9.58
C THR B 147 3.60 12.28 8.89
N MSE B 148 4.33 13.36 8.67
CA MSE B 148 5.56 13.28 7.88
C MSE B 148 6.49 14.43 8.21
O MSE B 148 6.07 15.45 8.76
CB MSE B 148 5.24 13.29 6.39
CG MSE B 148 4.65 14.63 5.90
SE MSE B 148 3.69 14.52 4.23
CE MSE B 148 2.11 13.60 4.86
N ASP B 149 7.76 14.26 7.86
CA ASP B 149 8.74 15.33 8.01
C ASP B 149 8.69 16.29 6.81
N GLU B 150 9.50 17.34 6.83
CA GLU B 150 9.45 18.34 5.77
C GLU B 150 9.89 17.81 4.42
N ALA B 151 10.94 16.99 4.40
CA ALA B 151 11.40 16.42 3.13
C ALA B 151 10.31 15.56 2.49
N THR B 152 9.55 14.86 3.32
CA THR B 152 8.51 13.99 2.80
C THR B 152 7.34 14.80 2.24
N TYR B 153 6.93 15.86 2.94
CA TYR B 153 5.96 16.79 2.39
C TYR B 153 6.43 17.31 1.03
N ASN B 154 7.68 17.74 0.96
CA ASN B 154 8.20 18.28 -0.30
C ASN B 154 8.15 17.24 -1.42
N ASP B 155 8.36 15.98 -1.08
CA ASP B 155 8.31 14.88 -2.03
C ASP B 155 6.89 14.71 -2.58
N LEU B 156 5.91 14.93 -1.72
CA LEU B 156 4.49 14.81 -2.07
C LEU B 156 3.89 16.11 -2.61
N ALA B 157 4.67 17.19 -2.63
CA ALA B 157 4.07 18.50 -2.86
C ALA B 157 3.40 18.67 -4.24
N LYS B 158 3.99 18.09 -5.28
CA LYS B 158 3.40 18.19 -6.60
C LYS B 158 2.86 16.84 -7.08
N ASP B 159 1.58 16.81 -7.42
CA ASP B 159 0.97 15.63 -8.02
C ASP B 159 1.00 14.38 -7.13
N SER B 160 0.83 14.59 -5.84
CA SER B 160 0.59 13.48 -4.94
C SER B 160 -0.75 12.81 -5.25
N GLN B 161 -0.84 11.55 -4.87
CA GLN B 161 -2.05 10.76 -5.06
C GLN B 161 -2.43 10.11 -3.75
N ILE B 162 -3.67 9.62 -3.68
CA ILE B 162 -4.13 8.84 -2.55
C ILE B 162 -4.46 7.44 -3.03
N GLY B 163 -3.98 6.44 -2.30
CA GLY B 163 -4.23 5.05 -2.62
C GLY B 163 -5.25 4.47 -1.66
N VAL B 164 -6.38 4.06 -2.21
CA VAL B 164 -7.51 3.58 -1.43
C VAL B 164 -7.78 2.12 -1.79
N PRO B 165 -7.50 1.20 -0.85
CA PRO B 165 -7.68 -0.22 -1.17
C PRO B 165 -9.14 -0.60 -1.37
N ASP B 166 -9.37 -1.52 -2.28
CA ASP B 166 -10.69 -2.11 -2.44
C ASP B 166 -11.05 -2.83 -1.13
N PRO B 167 -12.25 -2.56 -0.60
CA PRO B 167 -12.72 -3.30 0.58
C PRO B 167 -12.66 -4.82 0.42
N SER B 168 -12.61 -5.33 -0.82
CA SER B 168 -12.57 -6.77 -1.02
C SER B 168 -11.35 -7.41 -0.37
N ARG B 169 -10.29 -6.63 -0.17
CA ARG B 169 -9.11 -7.12 0.55
C ARG B 169 -9.48 -7.66 1.94
N PHE B 170 -10.52 -7.11 2.54
CA PHE B 170 -10.90 -7.42 3.91
C PHE B 170 -12.12 -8.33 3.99
N ASP B 171 -12.67 -8.72 2.83
CA ASP B 171 -13.88 -9.51 2.74
C ASP B 171 -13.47 -10.97 2.61
N SER B 172 -13.82 -11.80 3.59
CA SER B 172 -13.38 -13.18 3.63
C SER B 172 -13.87 -14.03 2.46
N SER B 173 -14.91 -13.55 1.77
CA SER B 173 -15.48 -14.30 0.66
C SER B 173 -14.68 -14.08 -0.63
N SER B 174 -13.85 -13.04 -0.64
CA SER B 174 -13.03 -12.71 -1.79
C SER B 174 -11.73 -13.50 -1.76
N THR B 175 -11.49 -14.30 -2.79
CA THR B 175 -10.37 -15.23 -2.79
C THR B 175 -9.30 -14.92 -3.83
N LYS B 176 -9.54 -13.92 -4.67
CA LYS B 176 -8.55 -13.55 -5.68
C LYS B 176 -8.11 -12.12 -5.49
N GLY B 177 -6.86 -11.92 -5.08
CA GLY B 177 -6.34 -10.58 -4.87
C GLY B 177 -6.41 -9.73 -6.12
N SER B 178 -6.27 -10.36 -7.29
CA SER B 178 -6.28 -9.61 -8.55
C SER B 178 -7.66 -9.08 -8.94
N SER B 179 -8.70 -9.53 -8.22
CA SER B 179 -10.05 -9.00 -8.41
CA SER B 179 -10.04 -8.99 -8.44
C SER B 179 -10.23 -7.65 -7.71
N GLN B 180 -9.26 -7.26 -6.88
CA GLN B 180 -9.33 -5.97 -6.22
C GLN B 180 -9.27 -4.84 -7.23
N ASP B 181 -10.12 -3.83 -7.04
CA ASP B 181 -10.07 -2.59 -7.80
C ASP B 181 -9.52 -1.54 -6.85
N ASN B 182 -8.21 -1.54 -6.67
CA ASN B 182 -7.57 -0.59 -5.77
C ASN B 182 -7.37 0.74 -6.48
N VAL B 183 -7.88 1.80 -5.88
CA VAL B 183 -7.93 3.12 -6.48
C VAL B 183 -6.69 3.92 -6.17
N VAL B 184 -6.22 4.64 -7.17
CA VAL B 184 -5.22 5.69 -6.96
C VAL B 184 -5.82 6.95 -7.58
N ALA B 185 -5.95 8.00 -6.78
CA ALA B 185 -6.63 9.21 -7.21
C ALA B 185 -5.77 10.45 -6.94
N PRO B 186 -5.93 11.51 -7.73
CA PRO B 186 -5.16 12.73 -7.44
C PRO B 186 -5.52 13.25 -6.05
N PHE B 187 -4.54 13.73 -5.31
CA PHE B 187 -4.78 14.24 -3.96
C PHE B 187 -3.84 15.40 -3.67
N PRO B 188 -4.20 16.60 -4.09
CA PRO B 188 -3.28 17.73 -3.91
C PRO B 188 -3.14 18.13 -2.45
N ILE B 189 -1.92 18.44 -2.04
CA ILE B 189 -1.70 18.86 -0.66
C ILE B 189 -1.09 20.25 -0.60
N LYS B 190 -1.00 20.90 -1.77
CA LYS B 190 -0.46 22.23 -1.91
C LYS B 190 -1.12 22.85 -3.14
C1 MLT C . -0.88 -13.42 -2.40
O1 MLT C . -0.04 -14.30 -2.68
O2 MLT C . -0.88 -12.89 -1.26
C2 MLT C . -1.92 -13.02 -3.41
O3 MLT C . -2.80 -12.06 -2.86
C3 MLT C . -2.73 -14.26 -3.75
C4 MLT C . -3.83 -13.85 -4.70
O4 MLT C . -5.03 -13.89 -4.32
O5 MLT C . -3.55 -13.49 -5.86
NA NA D . 1.93 5.62 -10.78
C1 MLT E . -24.99 9.89 -1.02
O1 MLT E . -25.34 9.17 -0.05
O2 MLT E . -24.32 10.91 -0.83
C2 MLT E . -25.40 9.53 -2.43
O3 MLT E . -26.29 8.43 -2.39
C3 MLT E . -24.16 9.18 -3.23
C4 MLT E . -24.47 8.96 -4.70
O4 MLT E . -23.73 8.26 -5.41
O5 MLT E . -25.49 9.48 -5.21
NA NA F . 4.18 9.16 -7.50
#